data_5K4Z
#
_entry.id   5K4Z
#
_cell.length_a   89.270
_cell.length_b   89.270
_cell.length_c   84.760
_cell.angle_alpha   90.00
_cell.angle_beta   90.00
_cell.angle_gamma   90.00
#
_symmetry.space_group_name_H-M   'I 4'
#
loop_
_entity.id
_entity.type
_entity.pdbx_description
1 polymer "Inosine-5'-monophosphate dehydrogenase,Inosine-5'-monophosphate dehydrogenase"
2 non-polymer 'INOSINIC ACID'
3 non-polymer ~{N}-(4-fluorophenyl)-4-(2~{H}-indazol-6-ylsulfamoyl)-3,5-dimethyl-1~{H}-pyrrole-2-carboxamide
4 water water
#
_entity_poly.entity_id   1
_entity_poly.type   'polypeptide(L)'
_entity_poly.pdbx_seq_one_letter_code
;GSSIAERSVPIAVPVPTGGDDPTKIAMLGLTFDDVLLLPAASDVLPANADTSSQLTKKIRLKVPLVSSAMDTVTEARMAI
AMARAGGMGVLHRNLPVAEQAAQVETVKRSGGLLVGAAVGVGDDAWERAMALRDAGVDVLVVDTAHAHNRKVLDMVHRLK
TTVGDEIEVVGGNVATRAAAAALVEAGADAVKVGVGPGSICTTRVVAGVGAPQITAILEAVAACAPHGVPVIADGGLQYS
GDIAKALAAGASTAMLGSLLAGTAESPGELILVNGKQFKSYRGMGSLGAMQGRGGAKSYSKDRYFQDDALSEDKLVPEGI
EGRVPFRGPLSTVIHQLVGGLRAAMGYTGSATIEELQQAQFVQITAAGLKESHPHDITMTVEAPNYYAR
;
_entity_poly.pdbx_strand_id   A
#
# COMPACT_ATOMS: atom_id res chain seq x y z
N VAL A 15 28.18 24.09 4.38
CA VAL A 15 27.23 23.06 4.75
C VAL A 15 27.94 22.05 5.65
N PRO A 16 27.39 21.81 6.85
CA PRO A 16 28.05 21.01 7.87
C PRO A 16 28.32 19.57 7.41
N THR A 17 27.55 19.07 6.45
CA THR A 17 27.76 17.69 6.00
C THR A 17 28.57 17.60 4.70
N GLY A 18 29.00 18.75 4.16
CA GLY A 18 29.93 18.75 3.05
C GLY A 18 29.48 19.46 1.80
N GLY A 19 30.44 20.06 1.11
CA GLY A 19 30.13 20.79 -0.10
C GLY A 19 29.55 22.14 0.27
N ASP A 20 29.13 22.91 -0.74
CA ASP A 20 28.58 24.24 -0.49
C ASP A 20 27.11 24.39 -0.85
N ASP A 21 26.49 23.27 -1.22
CA ASP A 21 25.11 23.29 -1.67
C ASP A 21 24.20 22.71 -0.61
N PRO A 22 23.40 23.57 0.03
CA PRO A 22 22.49 23.14 1.10
C PRO A 22 21.35 22.25 0.60
N THR A 23 21.10 22.22 -0.70
CA THR A 23 19.99 21.42 -1.22
C THR A 23 20.45 20.02 -1.61
N LYS A 24 21.76 19.77 -1.54
CA LYS A 24 22.28 18.48 -1.98
C LYS A 24 21.70 17.37 -1.11
N ILE A 25 21.64 17.60 0.17
CA ILE A 25 20.97 16.71 1.07
C ILE A 25 19.74 17.45 1.53
N ALA A 26 18.63 17.13 0.88
CA ALA A 26 17.43 17.92 0.89
C ALA A 26 16.61 17.84 2.14
N MET A 27 16.72 16.76 2.90
CA MET A 27 15.85 16.50 4.01
C MET A 27 16.41 15.41 4.87
N LEU A 28 15.89 15.32 6.06
CA LEU A 28 16.14 14.23 6.98
C LEU A 28 14.92 13.32 6.99
N GLY A 29 15.10 12.12 6.50
CA GLY A 29 13.98 11.23 6.31
C GLY A 29 13.70 10.36 7.49
N LEU A 30 12.46 10.38 7.94
CA LEU A 30 12.06 9.56 9.08
C LEU A 30 11.25 8.38 8.64
N THR A 31 11.46 7.27 9.33
CA THR A 31 10.71 6.05 9.06
C THR A 31 9.81 5.78 10.26
N PHE A 32 9.01 4.72 10.20
CA PHE A 32 8.05 4.46 11.27
C PHE A 32 8.72 4.32 12.64
N ASP A 33 9.87 3.65 12.72
CA ASP A 33 10.52 3.45 14.00
C ASP A 33 11.12 4.75 14.58
N ASP A 34 11.13 5.83 13.81
CA ASP A 34 11.65 7.10 14.27
C ASP A 34 10.64 7.94 15.06
N VAL A 35 9.37 7.56 15.04
CA VAL A 35 8.32 8.38 15.66
C VAL A 35 7.38 7.53 16.52
N LEU A 36 6.76 8.17 17.50
CA LEU A 36 5.60 7.62 18.21
C LEU A 36 4.45 8.63 18.13
N LEU A 37 3.22 8.12 18.16
CA LEU A 37 2.06 9.00 18.26
C LEU A 37 1.92 9.54 19.67
N LEU A 38 1.68 10.83 19.81
CA LEU A 38 1.46 11.39 21.13
C LEU A 38 0.02 11.18 21.56
N PRO A 39 -0.19 10.74 22.80
CA PRO A 39 -1.56 10.70 23.30
C PRO A 39 -2.13 12.13 23.36
N ALA A 40 -3.45 12.25 23.28
CA ALA A 40 -4.11 13.55 23.31
C ALA A 40 -5.42 13.41 24.08
N ALA A 41 -6.06 14.52 24.38
CA ALA A 41 -7.34 14.54 25.04
C ALA A 41 -8.30 13.64 24.28
N SER A 42 -9.03 12.78 24.98
CA SER A 42 -9.85 11.80 24.30
C SER A 42 -11.19 11.52 24.94
N ASP A 43 -12.21 11.48 24.11
CA ASP A 43 -13.50 11.01 24.51
C ASP A 43 -13.86 9.74 23.76
N VAL A 44 -12.88 9.14 23.10
CA VAL A 44 -13.08 8.04 22.17
C VAL A 44 -12.70 6.70 22.77
N LEU A 45 -13.67 5.79 22.83
CA LEU A 45 -13.38 4.41 23.20
C LEU A 45 -12.98 3.69 21.92
N PRO A 46 -11.96 2.81 22.01
CA PRO A 46 -11.48 2.07 20.85
C PRO A 46 -12.59 1.31 20.12
N ALA A 47 -13.48 0.67 20.86
CA ALA A 47 -14.59 -0.09 20.26
C ALA A 47 -15.54 0.78 19.44
N ASN A 48 -15.59 2.08 19.74
CA ASN A 48 -16.52 3.00 19.10
C ASN A 48 -15.93 3.87 17.99
N ALA A 49 -14.62 3.81 17.81
CA ALA A 49 -13.97 4.57 16.75
C ALA A 49 -14.49 4.12 15.38
N ASP A 50 -14.48 5.05 14.43
CA ASP A 50 -14.93 4.78 13.06
C ASP A 50 -13.68 4.60 12.22
N THR A 51 -13.46 3.38 11.73
CA THR A 51 -12.23 3.09 10.99
C THR A 51 -12.35 3.29 9.49
N SER A 52 -13.48 3.77 8.99
CA SER A 52 -13.65 3.87 7.55
C SER A 52 -12.76 4.96 6.97
N SER A 53 -12.36 4.80 5.71
CA SER A 53 -11.47 5.77 5.10
C SER A 53 -11.51 5.67 3.58
N GLN A 54 -11.15 6.75 2.89
CA GLN A 54 -11.09 6.74 1.44
C GLN A 54 -9.90 5.96 0.90
N LEU A 55 -10.19 4.93 0.12
CA LEU A 55 -9.20 4.29 -0.74
C LEU A 55 -8.88 5.19 -1.94
N THR A 56 -9.91 5.72 -2.57
CA THR A 56 -9.78 6.66 -3.66
C THR A 56 -10.77 7.79 -3.45
N LYS A 57 -10.80 8.74 -4.35
CA LYS A 57 -11.74 9.85 -4.20
C LYS A 57 -13.17 9.34 -4.04
N LYS A 58 -13.54 8.29 -4.74
CA LYS A 58 -14.91 7.82 -4.73
C LYS A 58 -15.18 6.64 -3.82
N ILE A 59 -14.21 5.81 -3.59
CA ILE A 59 -14.40 4.55 -2.85
C ILE A 59 -13.95 4.66 -1.39
N ARG A 60 -14.89 4.44 -0.47
CA ARG A 60 -14.58 4.38 0.94
C ARG A 60 -14.63 2.93 1.42
N LEU A 61 -13.61 2.53 2.18
CA LEU A 61 -13.54 1.19 2.77
C LEU A 61 -13.96 1.25 4.24
N LYS A 62 -14.49 0.14 4.76
CA LYS A 62 -14.83 0.07 6.19
C LYS A 62 -13.58 -0.04 7.06
N VAL A 63 -12.55 -0.63 6.50
CA VAL A 63 -11.26 -0.84 7.15
C VAL A 63 -10.16 -0.36 6.21
N PRO A 64 -9.26 0.52 6.64
CA PRO A 64 -8.34 1.22 5.73
C PRO A 64 -7.13 0.39 5.31
N LEU A 65 -7.39 -0.82 4.86
CA LEU A 65 -6.32 -1.77 4.56
C LEU A 65 -6.53 -2.42 3.20
N VAL A 66 -5.49 -2.49 2.41
CA VAL A 66 -5.52 -3.19 1.14
C VAL A 66 -4.36 -4.13 1.05
N SER A 67 -4.54 -5.26 0.39
CA SER A 67 -3.46 -6.24 0.25
C SER A 67 -2.63 -6.00 -1.01
N SER A 68 -1.32 -6.20 -0.90
CA SER A 68 -0.36 -5.96 -1.96
C SER A 68 -0.62 -6.77 -3.21
N ALA A 69 -0.40 -6.13 -4.37
CA ALA A 69 -0.44 -6.81 -5.66
C ALA A 69 0.81 -7.66 -5.87
N MET A 70 0.94 -8.74 -5.10
CA MET A 70 2.09 -9.63 -5.18
CA MET A 70 2.18 -9.62 -5.22
C MET A 70 1.61 -11.07 -5.33
N ASP A 71 2.38 -11.89 -6.01
CA ASP A 71 1.90 -13.25 -6.29
C ASP A 71 2.05 -14.18 -5.09
N THR A 72 2.63 -13.68 -4.00
CA THR A 72 2.59 -14.43 -2.75
C THR A 72 1.67 -13.75 -1.73
N VAL A 73 0.84 -12.81 -2.19
CA VAL A 73 -0.10 -12.14 -1.29
C VAL A 73 -1.54 -12.21 -1.80
N THR A 74 -1.78 -11.72 -3.01
CA THR A 74 -3.17 -11.50 -3.44
C THR A 74 -3.59 -12.15 -4.75
N GLU A 75 -4.31 -13.24 -4.63
CA GLU A 75 -5.09 -13.75 -5.75
C GLU A 75 -6.56 -13.73 -5.33
N ALA A 76 -7.42 -14.46 -6.02
CA ALA A 76 -8.86 -14.31 -5.80
C ALA A 76 -9.26 -14.55 -4.33
N ARG A 77 -8.67 -15.55 -3.72
CA ARG A 77 -9.00 -15.92 -2.38
C ARG A 77 -8.72 -14.80 -1.38
N MET A 78 -7.57 -14.20 -1.50
CA MET A 78 -7.21 -13.08 -0.63
C MET A 78 -8.14 -11.89 -0.89
N ALA A 79 -8.44 -11.64 -2.16
CA ALA A 79 -9.22 -10.46 -2.50
C ALA A 79 -10.64 -10.59 -1.94
N ILE A 80 -11.15 -11.82 -1.93
CA ILE A 80 -12.47 -12.07 -1.39
C ILE A 80 -12.45 -11.88 0.13
N ALA A 81 -11.46 -12.46 0.79
CA ALA A 81 -11.36 -12.35 2.24
C ALA A 81 -11.17 -10.89 2.67
N MET A 82 -10.33 -10.18 1.94
CA MET A 82 -10.04 -8.77 2.26
C MET A 82 -11.30 -7.90 2.17
N ALA A 83 -12.06 -8.08 1.08
CA ALA A 83 -13.30 -7.34 0.90
C ALA A 83 -14.34 -7.68 1.97
N ARG A 84 -14.44 -8.95 2.34
CA ARG A 84 -15.38 -9.37 3.39
C ARG A 84 -15.00 -8.81 4.74
N ALA A 85 -13.71 -8.57 4.94
CA ALA A 85 -13.22 -7.99 6.20
C ALA A 85 -13.34 -6.46 6.20
N GLY A 86 -13.78 -5.88 5.09
CA GLY A 86 -14.02 -4.45 4.99
C GLY A 86 -12.92 -3.70 4.27
N GLY A 87 -11.92 -4.43 3.76
CA GLY A 87 -10.85 -3.81 3.00
C GLY A 87 -10.97 -4.10 1.52
N MET A 88 -9.82 -4.27 0.87
CA MET A 88 -9.84 -4.65 -0.54
C MET A 88 -8.54 -5.32 -0.92
N GLY A 89 -8.58 -6.18 -1.93
CA GLY A 89 -7.37 -6.77 -2.44
C GLY A 89 -7.04 -6.16 -3.77
N VAL A 90 -5.75 -6.03 -4.08
CA VAL A 90 -5.35 -5.69 -5.45
C VAL A 90 -4.69 -6.91 -6.09
N LEU A 91 -5.36 -7.49 -7.10
CA LEU A 91 -4.83 -8.69 -7.75
C LEU A 91 -3.50 -8.44 -8.46
N HIS A 92 -2.55 -9.35 -8.26
CA HIS A 92 -1.26 -9.19 -8.92
C HIS A 92 -1.42 -9.41 -10.42
N ARG A 93 -0.44 -8.89 -11.16
CA ARG A 93 -0.44 -8.95 -12.63
C ARG A 93 0.63 -9.89 -13.18
N ASN A 94 1.19 -10.76 -12.36
CA ASN A 94 2.19 -11.72 -12.84
C ASN A 94 1.56 -13.01 -13.37
N LEU A 95 0.70 -12.86 -14.36
CA LEU A 95 0.06 -13.98 -15.02
C LEU A 95 -0.64 -13.53 -16.26
N PRO A 96 -1.09 -14.46 -17.10
CA PRO A 96 -1.76 -14.00 -18.31
C PRO A 96 -2.97 -13.12 -18.04
N VAL A 97 -3.22 -12.21 -18.96
CA VAL A 97 -4.31 -11.26 -18.87
C VAL A 97 -5.66 -11.96 -18.67
N ALA A 98 -5.89 -13.06 -19.38
CA ALA A 98 -7.15 -13.79 -19.26
C ALA A 98 -7.32 -14.40 -17.88
N GLU A 99 -6.20 -14.79 -17.27
CA GLU A 99 -6.23 -15.37 -15.92
C GLU A 99 -6.51 -14.32 -14.85
N GLN A 100 -5.92 -13.14 -15.00
CA GLN A 100 -6.20 -12.05 -14.07
C GLN A 100 -7.66 -11.64 -14.14
N ALA A 101 -8.16 -11.47 -15.36
CA ALA A 101 -9.55 -11.11 -15.59
C ALA A 101 -10.50 -12.15 -15.01
N ALA A 102 -10.10 -13.42 -15.11
CA ALA A 102 -10.88 -14.51 -14.55
C ALA A 102 -10.90 -14.47 -13.02
N GLN A 103 -9.83 -13.96 -12.41
CA GLN A 103 -9.82 -13.82 -10.96
C GLN A 103 -10.73 -12.66 -10.55
N VAL A 104 -10.79 -11.62 -11.38
CA VAL A 104 -11.68 -10.49 -11.11
C VAL A 104 -13.13 -10.95 -11.11
N GLU A 105 -13.49 -11.75 -12.10
CA GLU A 105 -14.82 -12.31 -12.19
C GLU A 105 -15.17 -13.15 -10.99
N THR A 106 -14.27 -14.02 -10.62
CA THR A 106 -14.42 -14.88 -9.45
C THR A 106 -14.75 -14.10 -8.17
N VAL A 107 -14.12 -12.95 -8.01
CA VAL A 107 -14.40 -12.11 -6.84
C VAL A 107 -15.79 -11.47 -6.96
N LYS A 108 -16.12 -10.94 -8.14
CA LYS A 108 -17.40 -10.26 -8.32
C LYS A 108 -18.57 -11.23 -8.22
N ARG A 109 -18.31 -12.51 -8.41
CA ARG A 109 -19.37 -13.52 -8.36
C ARG A 109 -19.55 -14.02 -6.94
N SER A 110 -18.77 -13.47 -6.05
CA SER A 110 -18.87 -13.86 -4.64
C SER A 110 -19.59 -12.78 -3.86
N GLY A 111 -20.53 -12.11 -4.52
CA GLY A 111 -21.26 -11.03 -3.92
C GLY A 111 -20.81 -9.68 -4.45
N GLY A 112 -21.37 -8.61 -3.90
CA GLY A 112 -21.01 -7.26 -4.30
C GLY A 112 -19.74 -6.81 -3.62
N LEU A 113 -18.64 -7.49 -3.94
CA LEU A 113 -17.37 -7.21 -3.29
C LEU A 113 -16.46 -6.35 -4.17
N LEU A 114 -15.87 -5.34 -3.56
CA LEU A 114 -14.87 -4.49 -4.22
C LEU A 114 -13.61 -5.28 -4.58
N VAL A 115 -13.03 -4.97 -5.74
CA VAL A 115 -11.76 -5.57 -6.13
C VAL A 115 -10.95 -4.62 -7.02
N GLY A 116 -9.63 -4.68 -6.86
CA GLY A 116 -8.75 -3.94 -7.73
C GLY A 116 -7.76 -4.88 -8.38
N ALA A 117 -7.02 -4.36 -9.36
CA ALA A 117 -6.10 -5.19 -10.09
C ALA A 117 -4.97 -4.33 -10.64
N ALA A 118 -3.75 -4.87 -10.62
CA ALA A 118 -2.59 -4.14 -11.06
C ALA A 118 -2.39 -4.25 -12.55
N VAL A 119 -1.98 -3.16 -13.20
CA VAL A 119 -1.45 -3.21 -14.55
C VAL A 119 -0.14 -2.45 -14.59
N GLY A 120 0.68 -2.74 -15.59
CA GLY A 120 1.96 -2.06 -15.74
C GLY A 120 1.87 -0.94 -16.77
N VAL A 121 2.99 -0.66 -17.43
CA VAL A 121 3.01 0.34 -18.46
C VAL A 121 3.56 -0.19 -19.78
N GLY A 122 3.68 -1.51 -19.82
CA GLY A 122 4.26 -2.20 -20.93
C GLY A 122 3.40 -2.38 -22.13
N ASP A 123 3.88 -3.24 -23.00
CA ASP A 123 3.26 -3.49 -24.26
C ASP A 123 1.81 -3.82 -24.08
N ASP A 124 1.53 -4.79 -23.24
CA ASP A 124 0.21 -5.36 -23.12
C ASP A 124 -0.57 -4.77 -21.97
N ALA A 125 -0.05 -3.73 -21.38
CA ALA A 125 -0.67 -3.13 -20.21
C ALA A 125 -2.05 -2.58 -20.54
N TRP A 126 -2.16 -1.87 -21.67
CA TRP A 126 -3.43 -1.29 -22.07
C TRP A 126 -4.46 -2.38 -22.34
N GLU A 127 -4.07 -3.48 -22.96
CA GLU A 127 -5.06 -4.51 -23.18
C GLU A 127 -5.41 -5.18 -21.87
N ARG A 128 -4.43 -5.42 -21.04
CA ARG A 128 -4.75 -5.95 -19.73
C ARG A 128 -5.83 -5.11 -19.03
N ALA A 129 -5.62 -3.80 -19.03
CA ALA A 129 -6.54 -2.86 -18.40
C ALA A 129 -7.96 -2.98 -18.97
N MET A 130 -8.05 -3.12 -20.29
CA MET A 130 -9.35 -3.20 -20.93
C MET A 130 -10.07 -4.50 -20.58
N ALA A 131 -9.31 -5.58 -20.46
CA ALA A 131 -9.88 -6.87 -20.11
C ALA A 131 -10.39 -6.85 -18.68
N LEU A 132 -9.64 -6.20 -17.80
CA LEU A 132 -10.02 -6.06 -16.41
C LEU A 132 -11.29 -5.26 -16.24
N ARG A 133 -11.43 -4.22 -17.03
CA ARG A 133 -12.62 -3.45 -17.00
C ARG A 133 -13.81 -4.28 -17.44
N ASP A 134 -13.64 -4.98 -18.54
CA ASP A 134 -14.68 -5.87 -19.03
C ASP A 134 -15.08 -6.89 -17.97
N ALA A 135 -14.10 -7.34 -17.19
CA ALA A 135 -14.35 -8.32 -16.13
C ALA A 135 -15.05 -7.73 -14.91
N GLY A 136 -15.16 -6.41 -14.84
CA GLY A 136 -15.91 -5.76 -13.79
C GLY A 136 -15.07 -5.19 -12.64
N VAL A 137 -13.79 -4.97 -12.89
CA VAL A 137 -12.89 -4.46 -11.84
C VAL A 137 -13.33 -3.06 -11.38
N ASP A 138 -13.15 -2.77 -10.09
CA ASP A 138 -13.55 -1.48 -9.53
C ASP A 138 -12.42 -0.47 -9.52
N VAL A 139 -11.21 -0.96 -9.26
CA VAL A 139 -10.03 -0.11 -9.13
C VAL A 139 -8.93 -0.62 -10.03
N LEU A 140 -8.36 0.25 -10.84
CA LEU A 140 -7.15 -0.13 -11.58
C LEU A 140 -5.94 0.50 -10.92
N VAL A 141 -4.94 -0.31 -10.61
CA VAL A 141 -3.72 0.22 -10.02
C VAL A 141 -2.59 0.17 -11.03
N VAL A 142 -2.15 1.34 -11.48
CA VAL A 142 -0.94 1.41 -12.28
C VAL A 142 0.25 1.18 -11.36
N ASP A 143 0.79 -0.04 -11.43
CA ASP A 143 1.72 -0.63 -10.46
C ASP A 143 3.18 -0.54 -10.96
N THR A 144 3.91 0.47 -10.50
CA THR A 144 5.30 0.67 -10.90
C THR A 144 6.18 1.00 -9.71
N ALA A 145 7.49 0.87 -9.88
CA ALA A 145 8.45 1.23 -8.84
C ALA A 145 8.74 2.72 -8.85
N HIS A 146 8.33 3.42 -9.88
CA HIS A 146 8.68 4.80 -10.02
C HIS A 146 7.68 5.52 -10.90
N ALA A 147 6.67 6.11 -10.32
CA ALA A 147 5.58 6.67 -11.11
C ALA A 147 5.95 8.04 -11.68
N HIS A 148 7.07 8.62 -11.25
CA HIS A 148 7.49 9.93 -11.76
C HIS A 148 8.10 9.81 -13.16
N ASN A 149 7.45 9.04 -14.02
CA ASN A 149 7.96 8.73 -15.35
C ASN A 149 6.84 9.02 -16.32
N ARG A 150 7.12 9.81 -17.38
CA ARG A 150 6.08 10.23 -18.31
C ARG A 150 5.30 9.05 -18.84
N LYS A 151 5.96 7.91 -18.97
CA LYS A 151 5.30 6.68 -19.38
C LYS A 151 4.22 6.28 -18.37
N VAL A 152 4.53 6.41 -17.09
CA VAL A 152 3.53 6.08 -16.07
C VAL A 152 2.42 7.15 -16.02
N LEU A 153 2.81 8.42 -15.99
CA LEU A 153 1.84 9.51 -15.94
C LEU A 153 0.91 9.48 -17.15
N ASP A 154 1.46 9.13 -18.32
CA ASP A 154 0.65 9.02 -19.52
C ASP A 154 -0.38 7.90 -19.38
N MET A 155 0.05 6.76 -18.86
CA MET A 155 -0.83 5.63 -18.66
C MET A 155 -1.96 6.00 -17.72
N VAL A 156 -1.60 6.62 -16.60
CA VAL A 156 -2.61 7.05 -15.63
C VAL A 156 -3.64 7.95 -16.28
N HIS A 157 -3.16 8.93 -17.03
CA HIS A 157 -4.02 9.88 -17.73
C HIS A 157 -4.91 9.21 -18.79
N ARG A 158 -4.29 8.38 -19.62
CA ARG A 158 -5.00 7.65 -20.67
C ARG A 158 -6.11 6.80 -20.09
N LEU A 159 -5.83 6.11 -18.98
CA LEU A 159 -6.84 5.31 -18.30
C LEU A 159 -7.98 6.15 -17.73
N LYS A 160 -7.65 7.25 -17.07
CA LYS A 160 -8.68 8.06 -16.44
C LYS A 160 -9.61 8.66 -17.48
N THR A 161 -9.06 9.05 -18.62
CA THR A 161 -9.85 9.68 -19.67
C THR A 161 -10.70 8.66 -20.43
N THR A 162 -10.36 7.39 -20.31
CA THR A 162 -11.08 6.33 -21.02
C THR A 162 -12.16 5.65 -20.18
N VAL A 163 -11.83 5.27 -18.95
CA VAL A 163 -12.76 4.53 -18.11
C VAL A 163 -13.06 5.22 -16.78
N GLY A 164 -12.66 6.48 -16.65
CA GLY A 164 -12.70 7.19 -15.39
C GLY A 164 -14.05 7.31 -14.70
N ASP A 165 -15.13 7.26 -15.47
CA ASP A 165 -16.45 7.38 -14.89
C ASP A 165 -16.83 6.13 -14.10
N GLU A 166 -16.32 4.98 -14.54
CA GLU A 166 -16.74 3.69 -14.00
C GLU A 166 -15.68 3.05 -13.12
N ILE A 167 -14.43 3.45 -13.35
CA ILE A 167 -13.30 2.81 -12.66
C ILE A 167 -12.37 3.83 -12.05
N GLU A 168 -12.00 3.61 -10.80
CA GLU A 168 -11.03 4.47 -10.15
C GLU A 168 -9.62 4.05 -10.48
N VAL A 169 -8.76 5.00 -10.78
CA VAL A 169 -7.40 4.76 -11.22
C VAL A 169 -6.38 5.20 -10.17
N VAL A 170 -5.64 4.23 -9.62
CA VAL A 170 -4.56 4.51 -8.69
C VAL A 170 -3.22 4.56 -9.41
N GLY A 171 -2.38 5.52 -9.08
CA GLY A 171 -1.02 5.55 -9.60
C GLY A 171 0.03 5.48 -8.51
N GLY A 172 1.15 4.84 -8.82
CA GLY A 172 2.22 4.70 -7.84
C GLY A 172 3.38 3.98 -8.48
N ASN A 173 4.51 3.90 -7.80
CA ASN A 173 4.69 4.47 -6.47
C ASN A 173 5.54 5.73 -6.52
N VAL A 174 5.33 6.60 -5.55
CA VAL A 174 6.12 7.82 -5.42
C VAL A 174 6.72 7.95 -4.04
N ALA A 175 7.72 8.84 -3.92
CA ALA A 175 8.36 9.07 -2.65
C ALA A 175 8.60 10.54 -2.40
N THR A 176 8.21 11.41 -3.34
CA THR A 176 8.46 12.84 -3.18
C THR A 176 7.18 13.64 -3.43
N ARG A 177 7.20 14.88 -2.95
CA ARG A 177 6.08 15.78 -3.14
C ARG A 177 5.84 16.05 -4.62
N ALA A 178 6.90 16.30 -5.37
CA ALA A 178 6.77 16.62 -6.79
C ALA A 178 6.21 15.46 -7.59
N ALA A 179 6.56 14.23 -7.21
CA ALA A 179 6.05 13.08 -7.95
C ALA A 179 4.58 12.88 -7.67
N ALA A 180 4.18 13.05 -6.41
CA ALA A 180 2.77 12.94 -6.06
C ALA A 180 1.97 14.01 -6.79
N ALA A 181 2.54 15.21 -6.91
CA ALA A 181 1.86 16.32 -7.57
C ALA A 181 1.64 15.99 -9.04
N ALA A 182 2.62 15.33 -9.65
CA ALA A 182 2.50 14.98 -11.07
C ALA A 182 1.39 13.96 -11.29
N LEU A 183 1.28 12.99 -10.38
CA LEU A 183 0.21 12.01 -10.50
C LEU A 183 -1.16 12.65 -10.30
N VAL A 184 -1.24 13.60 -9.38
CA VAL A 184 -2.49 14.32 -9.17
C VAL A 184 -2.90 15.04 -10.46
N GLU A 185 -1.95 15.66 -11.11
CA GLU A 185 -2.27 16.39 -12.30
C GLU A 185 -2.62 15.45 -13.45
N ALA A 186 -1.98 14.30 -13.48
CA ALA A 186 -2.30 13.28 -14.47
C ALA A 186 -3.71 12.73 -14.32
N GLY A 187 -4.33 12.96 -13.16
CA GLY A 187 -5.70 12.55 -12.94
C GLY A 187 -5.90 11.36 -12.01
N ALA A 188 -4.89 11.06 -11.21
CA ALA A 188 -4.99 9.92 -10.29
C ALA A 188 -6.10 10.13 -9.24
N ASP A 189 -6.83 9.06 -8.96
CA ASP A 189 -7.87 9.07 -7.93
C ASP A 189 -7.31 8.71 -6.56
N ALA A 190 -6.08 8.20 -6.55
CA ALA A 190 -5.30 7.96 -5.34
C ALA A 190 -3.84 7.83 -5.71
N VAL A 191 -2.96 8.14 -4.78
CA VAL A 191 -1.53 8.11 -5.02
C VAL A 191 -0.87 7.13 -4.04
N LYS A 192 -0.08 6.19 -4.56
CA LYS A 192 0.51 5.19 -3.68
C LYS A 192 1.97 5.54 -3.39
N VAL A 193 2.34 5.49 -2.11
CA VAL A 193 3.62 6.02 -1.64
C VAL A 193 4.49 4.90 -1.10
N GLY A 194 5.72 4.84 -1.61
CA GLY A 194 6.71 3.90 -1.13
C GLY A 194 7.71 3.54 -2.21
N VAL A 195 8.91 4.10 -2.10
CA VAL A 195 10.03 3.74 -2.95
C VAL A 195 11.15 3.32 -2.02
N GLY A 196 11.44 2.02 -1.99
CA GLY A 196 12.44 1.51 -1.08
C GLY A 196 12.07 0.85 0.26
N PRO A 197 10.84 1.02 0.78
CA PRO A 197 10.68 0.56 2.16
C PRO A 197 10.22 -0.89 2.36
N GLY A 198 9.89 -1.59 1.29
CA GLY A 198 9.31 -2.94 1.42
C GLY A 198 10.21 -3.89 2.18
N SER A 199 9.61 -4.83 2.90
CA SER A 199 10.41 -5.78 3.68
C SER A 199 11.28 -6.65 2.81
N ILE A 200 10.81 -6.97 1.60
CA ILE A 200 11.55 -7.80 0.67
C ILE A 200 12.28 -6.96 -0.37
N CYS A 201 12.34 -5.65 -0.12
CA CYS A 201 12.89 -4.71 -1.08
C CYS A 201 14.42 -4.56 -0.98
N THR A 202 15.09 -4.56 -2.13
CA THR A 202 16.53 -4.31 -2.12
C THR A 202 16.88 -3.13 -3.01
N THR A 203 15.87 -2.35 -3.36
CA THR A 203 16.07 -1.12 -4.12
C THR A 203 17.08 -0.22 -3.45
N ARG A 204 17.00 -0.14 -2.14
CA ARG A 204 17.92 0.66 -1.38
C ARG A 204 19.35 0.19 -1.47
N VAL A 205 19.59 -1.11 -1.47
CA VAL A 205 20.98 -1.56 -1.52
C VAL A 205 21.48 -1.72 -2.94
N VAL A 206 20.59 -2.04 -3.88
CA VAL A 206 20.99 -2.29 -5.25
C VAL A 206 21.17 -0.99 -6.03
N ALA A 207 20.25 -0.07 -5.84
CA ALA A 207 20.27 1.19 -6.58
C ALA A 207 20.71 2.37 -5.72
N GLY A 208 20.66 2.18 -4.40
CA GLY A 208 20.99 3.25 -3.48
C GLY A 208 19.91 4.31 -3.40
N VAL A 209 18.68 3.93 -3.76
CA VAL A 209 17.57 4.88 -3.92
C VAL A 209 16.47 4.58 -2.90
N GLY A 210 15.90 5.63 -2.34
CA GLY A 210 14.75 5.39 -1.47
C GLY A 210 14.35 6.63 -0.71
N ALA A 211 13.31 6.51 0.09
CA ALA A 211 12.87 7.59 0.95
C ALA A 211 12.17 6.99 2.16
N PRO A 212 12.69 7.29 3.35
CA PRO A 212 12.02 6.82 4.57
C PRO A 212 10.54 7.16 4.59
N GLN A 213 9.72 6.21 5.02
CA GLN A 213 8.30 6.24 4.72
C GLN A 213 7.48 7.32 5.44
N ILE A 214 7.83 7.70 6.66
CA ILE A 214 7.02 8.73 7.31
C ILE A 214 7.21 10.06 6.55
N THR A 215 8.46 10.38 6.23
CA THR A 215 8.74 11.62 5.50
C THR A 215 8.13 11.56 4.09
N ALA A 216 8.17 10.40 3.44
CA ALA A 216 7.59 10.30 2.09
C ALA A 216 6.07 10.51 2.12
N ILE A 217 5.41 9.99 3.15
CA ILE A 217 3.97 10.15 3.31
C ILE A 217 3.65 11.61 3.56
N LEU A 218 4.38 12.23 4.48
CA LEU A 218 4.16 13.65 4.80
C LEU A 218 4.32 14.52 3.55
N GLU A 219 5.32 14.20 2.72
CA GLU A 219 5.59 14.99 1.53
C GLU A 219 4.50 14.75 0.47
N ALA A 220 4.08 13.50 0.29
CA ALA A 220 3.06 13.17 -0.70
C ALA A 220 1.69 13.75 -0.33
N VAL A 221 1.38 13.72 0.96
CA VAL A 221 0.13 14.24 1.46
C VAL A 221 0.08 15.77 1.30
N ALA A 222 1.23 16.42 1.37
CA ALA A 222 1.29 17.87 1.16
C ALA A 222 0.86 18.22 -0.27
N ALA A 223 1.10 17.30 -1.19
CA ALA A 223 0.69 17.51 -2.59
C ALA A 223 -0.73 17.00 -2.88
N CYS A 224 -1.16 15.93 -2.25
CA CYS A 224 -2.42 15.29 -2.55
C CYS A 224 -3.64 15.78 -1.80
N ALA A 225 -3.49 16.00 -0.51
CA ALA A 225 -4.58 16.45 0.34
C ALA A 225 -5.26 17.75 -0.14
N PRO A 226 -4.48 18.75 -0.59
CA PRO A 226 -5.17 19.95 -1.08
C PRO A 226 -6.01 19.71 -2.34
N HIS A 227 -5.82 18.58 -3.00
CA HIS A 227 -6.63 18.24 -4.17
C HIS A 227 -7.64 17.14 -3.87
N GLY A 228 -7.81 16.80 -2.60
CA GLY A 228 -8.74 15.76 -2.19
C GLY A 228 -8.38 14.37 -2.70
N VAL A 229 -7.10 14.13 -2.93
CA VAL A 229 -6.64 12.83 -3.43
C VAL A 229 -6.02 12.04 -2.28
N PRO A 230 -6.54 10.84 -2.04
CA PRO A 230 -6.05 10.00 -0.93
C PRO A 230 -4.69 9.42 -1.21
N VAL A 231 -3.91 9.24 -0.15
CA VAL A 231 -2.60 8.60 -0.23
C VAL A 231 -2.67 7.20 0.39
N ILE A 232 -2.16 6.21 -0.35
CA ILE A 232 -2.06 4.83 0.13
C ILE A 232 -0.64 4.64 0.56
N ALA A 233 -0.43 4.29 1.83
CA ALA A 233 0.93 4.06 2.31
C ALA A 233 1.31 2.60 2.01
N ASP A 234 2.32 2.42 1.17
CA ASP A 234 2.68 1.08 0.66
C ASP A 234 4.10 0.65 1.00
N GLY A 235 4.22 -0.27 1.95
CA GLY A 235 5.51 -0.86 2.23
C GLY A 235 6.12 -0.41 3.55
N GLY A 236 6.85 -1.32 4.19
CA GLY A 236 7.59 -0.97 5.38
C GLY A 236 6.82 -1.15 6.67
N LEU A 237 5.56 -1.55 6.56
CA LEU A 237 4.72 -1.69 7.75
C LEU A 237 4.95 -3.04 8.39
N GLN A 238 5.37 -3.05 9.65
CA GLN A 238 5.76 -4.25 10.36
C GLN A 238 4.83 -4.60 11.51
N TYR A 239 4.22 -3.60 12.08
CA TYR A 239 3.38 -3.78 13.27
C TYR A 239 2.10 -3.03 13.08
N SER A 240 1.07 -3.40 13.82
CA SER A 240 -0.20 -2.70 13.75
C SER A 240 0.00 -1.22 14.09
N GLY A 241 0.97 -0.92 14.95
CA GLY A 241 1.21 0.46 15.33
C GLY A 241 1.72 1.31 14.17
N ASP A 242 2.38 0.66 13.20
CA ASP A 242 2.85 1.34 12.00
C ASP A 242 1.70 1.78 11.12
N ILE A 243 0.59 1.03 11.14
CA ILE A 243 -0.61 1.44 10.41
C ILE A 243 -1.13 2.75 10.98
N ALA A 244 -1.24 2.84 12.30
CA ALA A 244 -1.68 4.07 12.94
C ALA A 244 -0.75 5.22 12.58
N LYS A 245 0.56 4.95 12.59
CA LYS A 245 1.51 6.02 12.29
C LYS A 245 1.38 6.50 10.84
N ALA A 246 1.20 5.56 9.93
CA ALA A 246 1.06 5.90 8.51
C ALA A 246 -0.16 6.78 8.27
N LEU A 247 -1.27 6.44 8.92
CA LEU A 247 -2.48 7.25 8.75
C LEU A 247 -2.35 8.61 9.44
N ALA A 248 -1.72 8.64 10.60
CA ALA A 248 -1.51 9.93 11.26
C ALA A 248 -0.58 10.85 10.49
N ALA A 249 0.37 10.28 9.74
CA ALA A 249 1.20 11.07 8.83
C ALA A 249 0.37 11.65 7.67
N GLY A 250 -0.83 11.10 7.47
CA GLY A 250 -1.76 11.65 6.51
C GLY A 250 -2.26 10.70 5.45
N ALA A 251 -1.76 9.46 5.45
CA ALA A 251 -2.27 8.50 4.52
C ALA A 251 -3.71 8.18 4.86
N SER A 252 -4.45 7.71 3.86
CA SER A 252 -5.85 7.36 4.08
C SER A 252 -6.05 5.85 4.19
N THR A 253 -5.15 5.10 3.57
CA THR A 253 -5.11 3.66 3.69
C THR A 253 -3.67 3.15 3.71
N ALA A 254 -3.49 1.90 4.15
CA ALA A 254 -2.20 1.23 4.11
C ALA A 254 -2.30 -0.02 3.26
N MET A 255 -1.31 -0.24 2.42
CA MET A 255 -1.21 -1.48 1.65
C MET A 255 -0.21 -2.40 2.34
N LEU A 256 -0.60 -3.67 2.51
CA LEU A 256 0.20 -4.60 3.29
C LEU A 256 0.65 -5.79 2.47
N GLY A 257 1.94 -6.08 2.49
CA GLY A 257 2.47 -7.29 1.91
C GLY A 257 2.88 -8.32 2.96
N SER A 258 4.02 -8.11 3.60
CA SER A 258 4.55 -9.05 4.58
CA SER A 258 4.55 -9.05 4.57
C SER A 258 3.54 -9.41 5.67
N LEU A 259 2.79 -8.44 6.13
CA LEU A 259 1.85 -8.69 7.23
C LEU A 259 0.73 -9.66 6.84
N LEU A 260 0.48 -9.82 5.55
CA LEU A 260 -0.62 -10.69 5.11
C LEU A 260 -0.13 -11.93 4.36
N ALA A 261 1.15 -11.96 4.04
CA ALA A 261 1.70 -13.06 3.26
C ALA A 261 1.70 -14.37 4.04
N GLY A 262 1.63 -14.29 5.35
CA GLY A 262 1.67 -15.51 6.13
C GLY A 262 0.30 -16.08 6.42
N THR A 263 -0.73 -15.56 5.76
CA THR A 263 -2.12 -15.93 6.09
C THR A 263 -2.61 -17.10 5.24
N ALA A 264 -3.66 -17.77 5.71
CA ALA A 264 -4.22 -18.94 5.02
C ALA A 264 -4.67 -18.58 3.61
N GLU A 265 -5.18 -17.35 3.47
CA GLU A 265 -5.77 -16.94 2.20
C GLU A 265 -4.75 -16.50 1.17
N SER A 266 -3.50 -16.29 1.57
CA SER A 266 -2.48 -15.93 0.58
C SER A 266 -2.14 -17.15 -0.27
N PRO A 267 -1.61 -16.94 -1.49
CA PRO A 267 -1.18 -18.08 -2.30
C PRO A 267 0.03 -18.77 -1.71
N GLY A 268 0.32 -19.97 -2.16
CA GLY A 268 1.50 -20.68 -1.70
C GLY A 268 1.20 -21.68 -0.61
N GLU A 269 2.06 -22.64 -0.44
CA GLU A 269 1.79 -23.69 0.48
C GLU A 269 2.47 -23.46 1.79
N LEU A 270 2.13 -24.30 2.75
CA LEU A 270 2.75 -24.25 4.06
C LEU A 270 4.16 -24.82 3.97
N ILE A 271 5.09 -24.21 4.69
CA ILE A 271 6.47 -24.67 4.71
C ILE A 271 6.91 -25.00 6.13
N LEU A 272 7.51 -26.16 6.32
CA LEU A 272 7.99 -26.55 7.64
C LEU A 272 9.50 -26.50 7.71
N VAL A 273 10.04 -25.65 8.58
CA VAL A 273 11.48 -25.64 8.82
C VAL A 273 11.75 -25.53 10.32
N ASN A 274 12.58 -26.43 10.82
CA ASN A 274 12.94 -26.49 12.23
C ASN A 274 11.72 -26.47 13.14
N GLY A 275 10.71 -27.24 12.78
CA GLY A 275 9.53 -27.42 13.62
C GLY A 275 8.58 -26.23 13.66
N LYS A 276 8.81 -25.25 12.80
CA LYS A 276 7.93 -24.08 12.77
C LYS A 276 7.34 -23.92 11.37
N GLN A 277 6.16 -23.30 11.31
CA GLN A 277 5.42 -23.16 10.06
C GLN A 277 5.61 -21.81 9.41
N PHE A 278 5.85 -21.84 8.10
CA PHE A 278 6.10 -20.63 7.31
C PHE A 278 5.36 -20.68 5.97
N LYS A 279 5.27 -19.52 5.32
CA LYS A 279 4.89 -19.43 3.91
C LYS A 279 5.95 -18.60 3.20
N SER A 280 6.18 -18.89 1.93
CA SER A 280 7.11 -18.13 1.13
C SER A 280 6.58 -16.70 0.89
N TYR A 281 7.46 -15.73 0.90
CA TYR A 281 7.08 -14.37 0.59
C TYR A 281 8.20 -13.77 -0.23
N ARG A 282 7.86 -13.23 -1.39
CA ARG A 282 8.93 -12.80 -2.29
C ARG A 282 8.56 -11.53 -2.99
N GLY A 283 9.58 -10.74 -3.29
CA GLY A 283 9.38 -9.55 -4.08
C GLY A 283 8.99 -9.89 -5.51
N MET A 284 8.24 -8.99 -6.14
CA MET A 284 7.91 -9.14 -7.54
C MET A 284 9.09 -8.84 -8.41
N GLY A 285 10.13 -8.27 -7.81
CA GLY A 285 11.37 -7.99 -8.49
C GLY A 285 12.48 -8.94 -8.08
N SER A 286 12.12 -10.06 -7.46
CA SER A 286 13.11 -11.08 -7.11
C SER A 286 13.40 -11.96 -8.31
N LEU A 287 14.48 -12.73 -8.25
CA LEU A 287 14.88 -13.60 -9.36
C LEU A 287 13.79 -14.58 -9.75
N GLY A 288 13.20 -15.25 -8.76
CA GLY A 288 12.19 -16.26 -9.01
C GLY A 288 10.83 -15.75 -9.46
N ALA A 289 10.51 -14.51 -9.12
CA ALA A 289 9.26 -13.90 -9.56
C ALA A 289 9.41 -13.42 -11.00
N MET A 290 10.60 -12.96 -11.37
CA MET A 290 10.87 -12.51 -12.73
C MET A 290 11.11 -13.70 -13.65
N GLN A 291 11.39 -14.87 -13.10
CA GLN A 291 11.49 -16.08 -13.91
C GLN A 291 10.17 -16.79 -13.92
N LEU A 315 19.71 -9.98 -15.75
CA LEU A 315 18.68 -9.42 -14.88
C LEU A 315 19.27 -8.96 -13.55
N VAL A 316 18.77 -7.84 -13.05
CA VAL A 316 19.24 -7.27 -11.80
C VAL A 316 18.08 -7.11 -10.83
N PRO A 317 17.91 -8.09 -9.93
CA PRO A 317 16.77 -8.13 -9.01
C PRO A 317 16.77 -6.97 -8.03
N GLU A 318 15.58 -6.50 -7.68
CA GLU A 318 15.45 -5.47 -6.66
C GLU A 318 14.53 -5.95 -5.54
N GLY A 319 14.40 -7.28 -5.42
CA GLY A 319 13.68 -7.88 -4.32
C GLY A 319 14.31 -9.22 -3.95
N ILE A 320 14.06 -9.71 -2.75
CA ILE A 320 14.54 -11.01 -2.33
C ILE A 320 13.38 -12.00 -2.17
N GLU A 321 13.71 -13.26 -1.97
CA GLU A 321 12.74 -14.29 -1.68
C GLU A 321 12.99 -14.75 -0.27
N GLY A 322 11.96 -14.81 0.55
CA GLY A 322 12.10 -15.26 1.92
C GLY A 322 10.89 -16.05 2.41
N ARG A 323 10.79 -16.17 3.71
CA ARG A 323 9.63 -16.74 4.31
C ARG A 323 9.16 -15.91 5.48
N VAL A 324 7.86 -15.92 5.72
CA VAL A 324 7.26 -15.27 6.88
C VAL A 324 6.56 -16.33 7.70
N PRO A 325 6.39 -16.09 9.01
CA PRO A 325 5.66 -17.08 9.82
C PRO A 325 4.22 -17.23 9.36
N PHE A 326 3.74 -18.48 9.40
CA PHE A 326 2.35 -18.74 9.13
C PHE A 326 1.50 -18.11 10.23
N ARG A 327 0.46 -17.39 9.82
CA ARG A 327 -0.31 -16.59 10.75
C ARG A 327 -1.75 -17.06 10.98
N GLY A 328 -2.17 -18.08 10.25
CA GLY A 328 -3.56 -18.50 10.35
C GLY A 328 -4.47 -17.67 9.45
N PRO A 329 -5.77 -17.67 9.77
CA PRO A 329 -6.75 -17.02 8.89
C PRO A 329 -6.57 -15.51 8.81
N LEU A 330 -6.84 -14.94 7.64
CA LEU A 330 -6.75 -13.50 7.44
C LEU A 330 -7.57 -12.74 8.47
N SER A 331 -8.76 -13.25 8.75
CA SER A 331 -9.70 -12.57 9.63
C SER A 331 -9.10 -12.33 11.01
N THR A 332 -8.23 -13.22 11.46
CA THR A 332 -7.58 -13.07 12.71
C THR A 332 -6.56 -11.97 12.63
N VAL A 333 -5.75 -12.01 11.59
CA VAL A 333 -4.72 -10.99 11.42
C VAL A 333 -5.36 -9.61 11.32
N ILE A 334 -6.38 -9.47 10.47
CA ILE A 334 -7.01 -8.17 10.28
C ILE A 334 -7.59 -7.68 11.60
N HIS A 335 -8.13 -8.61 12.39
CA HIS A 335 -8.73 -8.23 13.66
C HIS A 335 -7.72 -7.60 14.61
N GLN A 336 -6.55 -8.18 14.69
CA GLN A 336 -5.52 -7.64 15.53
C GLN A 336 -4.95 -6.32 15.01
N LEU A 337 -4.79 -6.22 13.72
CA LEU A 337 -4.35 -4.97 13.12
C LEU A 337 -5.35 -3.85 13.37
N VAL A 338 -6.62 -4.13 13.15
CA VAL A 338 -7.64 -3.10 13.34
C VAL A 338 -7.75 -2.78 14.83
N GLY A 339 -7.57 -3.80 15.66
CA GLY A 339 -7.56 -3.60 17.11
C GLY A 339 -6.48 -2.61 17.53
N GLY A 340 -5.30 -2.73 16.93
CA GLY A 340 -4.20 -1.81 17.25
C GLY A 340 -4.55 -0.41 16.79
N LEU A 341 -5.07 -0.32 15.56
CA LEU A 341 -5.55 0.97 15.03
C LEU A 341 -6.56 1.62 15.96
N ARG A 342 -7.52 0.84 16.45
CA ARG A 342 -8.56 1.37 17.33
C ARG A 342 -7.96 1.86 18.64
N ALA A 343 -6.96 1.14 19.15
CA ALA A 343 -6.26 1.57 20.35
C ALA A 343 -5.61 2.94 20.11
N ALA A 344 -4.95 3.09 18.96
CA ALA A 344 -4.30 4.37 18.66
C ALA A 344 -5.33 5.48 18.58
N MET A 345 -6.51 5.16 18.05
CA MET A 345 -7.53 6.17 17.89
C MET A 345 -8.03 6.58 19.27
N GLY A 346 -8.09 5.61 20.18
CA GLY A 346 -8.47 5.90 21.55
C GLY A 346 -7.45 6.79 22.25
N TYR A 347 -6.16 6.47 22.08
CA TYR A 347 -5.12 7.28 22.71
C TYR A 347 -5.04 8.70 22.19
N THR A 348 -5.33 8.89 20.90
CA THR A 348 -5.17 10.20 20.28
C THR A 348 -6.46 11.02 20.23
N GLY A 349 -7.54 10.47 20.77
CA GLY A 349 -8.82 11.16 20.75
C GLY A 349 -9.40 11.27 19.34
N SER A 350 -9.06 10.32 18.48
CA SER A 350 -9.54 10.34 17.10
C SER A 350 -10.80 9.51 16.90
N ALA A 351 -11.92 10.18 16.62
CA ALA A 351 -13.18 9.47 16.44
C ALA A 351 -13.28 8.88 15.03
N THR A 352 -12.51 9.45 14.11
CA THR A 352 -12.52 9.04 12.71
C THR A 352 -11.09 9.01 12.19
N ILE A 353 -10.88 8.40 11.02
CA ILE A 353 -9.56 8.39 10.40
C ILE A 353 -9.13 9.80 10.00
N GLU A 354 -10.08 10.57 9.52
CA GLU A 354 -9.85 11.97 9.28
C GLU A 354 -9.29 12.72 10.50
N GLU A 355 -9.73 12.37 11.70
CA GLU A 355 -9.19 12.98 12.89
C GLU A 355 -7.80 12.46 13.18
N LEU A 356 -7.61 11.18 12.96
CA LEU A 356 -6.31 10.56 13.23
C LEU A 356 -5.22 11.19 12.36
N GLN A 357 -5.60 11.61 11.16
CA GLN A 357 -4.66 12.26 10.24
C GLN A 357 -4.15 13.59 10.76
N GLN A 358 -4.78 14.10 11.81
CA GLN A 358 -4.34 15.35 12.38
C GLN A 358 -3.59 15.15 13.69
N ALA A 359 -3.28 13.89 14.02
CA ALA A 359 -2.53 13.59 15.26
C ALA A 359 -1.06 14.04 15.18
N GLN A 360 -0.42 14.18 16.34
CA GLN A 360 0.98 14.65 16.40
C GLN A 360 1.92 13.53 16.79
N PHE A 361 3.18 13.64 16.34
CA PHE A 361 4.23 12.70 16.69
C PHE A 361 5.24 13.30 17.66
N VAL A 362 5.97 12.41 18.33
CA VAL A 362 7.24 12.74 18.98
C VAL A 362 8.30 11.94 18.28
N GLN A 363 9.44 12.56 17.99
CA GLN A 363 10.56 11.86 17.34
C GLN A 363 11.36 11.18 18.40
N ILE A 364 11.80 9.94 18.17
CA ILE A 364 12.58 9.27 19.20
C ILE A 364 14.02 9.02 18.76
N THR A 365 14.87 8.64 19.70
CA THR A 365 16.27 8.42 19.38
C THR A 365 16.52 6.94 19.22
N ALA A 366 17.75 6.60 18.87
CA ALA A 366 18.16 5.20 18.76
C ALA A 366 17.88 4.45 20.05
N ALA A 367 18.14 5.13 21.17
CA ALA A 367 17.99 4.53 22.47
C ALA A 367 16.56 4.16 22.70
N GLY A 368 15.67 4.91 22.12
CA GLY A 368 14.29 4.51 22.24
C GLY A 368 14.11 3.36 21.30
N LEU A 369 14.56 2.18 21.68
CA LEU A 369 14.16 1.07 20.87
C LEU A 369 15.33 0.27 20.38
#